data_4INI
#
_entry.id   4INI
#
_cell.length_a   37.572
_cell.length_b   72.770
_cell.length_c   77.724
_cell.angle_alpha   90.000
_cell.angle_beta   90.000
_cell.angle_gamma   90.000
#
_symmetry.space_group_name_H-M   'P 21 21 21'
#
loop_
_entity.id
_entity.type
_entity.pdbx_description
1 polymer 'Histidine triad nucleotide-binding protein 2, mitochondrial'
2 non-polymer 'ADENOSINE MONOPHOSPHATE'
3 non-polymer 'PENTAETHYLENE GLYCOL'
4 non-polymer DI(HYDROXYETHYL)ETHER
5 non-polymer 1-METHOXY-2-[2-(2-METHOXY-ETHOXY]-ETHANE
6 water water
#
_entity_poly.entity_id   1
_entity_poly.type   'polypeptide(L)'
_entity_poly.pdbx_seq_one_letter_code
;SNAGNEVAKAQQATPGGAAPTIFSRILDKSLPADILYEDQQCLVFRDVAPQAPVHFLVIPKKPIPRISQAEEEDQQLLGH
LLLVAKQTAKAEGLGDGYRLVINDGKLGAQSVYHLHIHVLGGRQLQWPPG
;
_entity_poly.pdbx_strand_id   A,B
#
loop_
_chem_comp.id
_chem_comp.type
_chem_comp.name
_chem_comp.formula
1PE non-polymer 'PENTAETHYLENE GLYCOL' 'C10 H22 O6'
AMP non-polymer 'ADENOSINE MONOPHOSPHATE' 'C10 H14 N5 O7 P'
PEG non-polymer DI(HYDROXYETHYL)ETHER 'C4 H10 O3'
PG5 non-polymer 1-METHOXY-2-[2-(2-METHOXY-ETHOXY]-ETHANE 'C8 H18 O4'
#
# COMPACT_ATOMS: atom_id res chain seq x y z
N LYS A 29 -2.30 25.20 -17.98
CA LYS A 29 -3.66 24.66 -18.00
C LYS A 29 -4.04 23.97 -16.68
N SER A 30 -3.04 23.59 -15.88
CA SER A 30 -3.26 23.13 -14.52
C SER A 30 -2.55 24.05 -13.53
N LEU A 31 -2.84 23.90 -12.23
CA LEU A 31 -2.13 24.65 -11.20
C LEU A 31 -0.77 24.00 -10.93
N PRO A 32 0.22 24.80 -10.51
CA PRO A 32 1.54 24.22 -10.21
C PRO A 32 1.47 23.40 -8.93
N ALA A 33 1.91 22.15 -8.98
CA ALA A 33 1.80 21.27 -7.81
C ALA A 33 2.79 21.69 -6.73
N ASP A 34 2.34 21.73 -5.48
CA ASP A 34 3.29 21.93 -4.39
C ASP A 34 4.07 20.65 -4.23
N ILE A 35 5.36 20.74 -4.51
CA ILE A 35 6.26 19.64 -4.28
C ILE A 35 6.71 19.66 -2.83
N LEU A 36 6.37 18.59 -2.11
CA LEU A 36 6.66 18.50 -0.68
C LEU A 36 8.06 17.98 -0.42
N TYR A 37 8.59 17.22 -1.36
CA TYR A 37 9.86 16.53 -1.18
C TYR A 37 10.38 16.03 -2.51
N GLU A 38 11.70 16.01 -2.64
CA GLU A 38 12.33 15.46 -3.83
C GLU A 38 13.73 14.97 -3.46
N ASP A 39 14.09 13.80 -3.98
CA ASP A 39 15.48 13.34 -3.90
C ASP A 39 15.88 12.72 -5.23
N GLN A 40 16.98 11.98 -5.27
CA GLN A 40 17.45 11.44 -6.54
C GLN A 40 16.55 10.34 -7.10
N GLN A 41 15.71 9.76 -6.23
CA GLN A 41 14.89 8.62 -6.61
C GLN A 41 13.39 8.92 -6.81
N CYS A 42 12.91 10.02 -6.26
CA CYS A 42 11.47 10.25 -6.24
C CYS A 42 11.07 11.70 -6.02
N LEU A 43 9.77 11.95 -6.20
CA LEU A 43 9.17 13.27 -6.12
C LEU A 43 7.84 13.13 -5.38
N VAL A 44 7.52 14.08 -4.49
CA VAL A 44 6.27 14.05 -3.73
C VAL A 44 5.52 15.36 -3.97
N PHE A 45 4.27 15.27 -4.40
CA PHE A 45 3.49 16.48 -4.71
C PHE A 45 2.00 16.34 -4.36
N ARG A 46 1.34 17.48 -4.13
CA ARG A 46 -0.08 17.44 -3.75
C ARG A 46 -0.98 17.12 -4.93
N ASP A 47 -1.98 16.28 -4.68
CA ASP A 47 -2.98 15.94 -5.69
C ASP A 47 -3.85 17.16 -5.96
N VAL A 48 -4.08 17.45 -7.24
CA VAL A 48 -4.91 18.58 -7.66
C VAL A 48 -6.41 18.29 -7.41
N ALA A 49 -6.74 17.03 -7.21
CA ALA A 49 -8.11 16.62 -6.90
C ALA A 49 -8.11 15.85 -5.60
N PRO A 50 -7.84 16.55 -4.49
CA PRO A 50 -7.67 15.87 -3.20
C PRO A 50 -8.94 15.16 -2.74
N GLN A 51 -8.76 13.93 -2.26
CA GLN A 51 -9.85 13.12 -1.74
C GLN A 51 -9.91 13.15 -0.21
N ALA A 52 -9.06 13.99 0.38
CA ALA A 52 -9.02 14.15 1.83
C ALA A 52 -8.33 15.48 2.11
N PRO A 53 -8.43 15.99 3.36
CA PRO A 53 -7.79 17.27 3.67
C PRO A 53 -6.28 17.30 3.39
N VAL A 54 -5.62 16.16 3.58
CA VAL A 54 -4.25 15.98 3.11
C VAL A 54 -4.26 14.85 2.08
N HIS A 55 -3.79 15.14 0.87
CA HIS A 55 -3.71 14.10 -0.15
C HIS A 55 -2.51 14.40 -1.02
N PHE A 56 -1.47 13.59 -0.88
CA PHE A 56 -0.30 13.80 -1.70
C PHE A 56 0.12 12.52 -2.42
N LEU A 57 1.05 12.67 -3.36
CA LEU A 57 1.39 11.60 -4.28
C LEU A 57 2.91 11.41 -4.25
N VAL A 58 3.34 10.16 -4.06
CA VAL A 58 4.77 9.85 -4.15
C VAL A 58 5.02 9.11 -5.47
N ILE A 59 5.92 9.64 -6.30
CA ILE A 59 6.23 9.00 -7.58
C ILE A 59 7.73 8.75 -7.73
N PRO A 60 8.09 7.61 -8.35
CA PRO A 60 9.51 7.40 -8.64
C PRO A 60 9.94 8.25 -9.82
N LYS A 61 11.23 8.57 -9.91
CA LYS A 61 11.73 9.23 -11.11
C LYS A 61 11.87 8.23 -12.26
N LYS A 62 12.19 6.98 -11.93
CA LYS A 62 12.13 5.91 -12.92
C LYS A 62 10.67 5.71 -13.29
N PRO A 63 10.34 5.79 -14.59
CA PRO A 63 8.91 5.80 -14.93
C PRO A 63 8.24 4.42 -14.97
N ILE A 64 8.28 3.69 -13.87
CA ILE A 64 7.53 2.43 -13.76
C ILE A 64 6.05 2.74 -14.05
N PRO A 65 5.45 2.09 -15.06
CA PRO A 65 4.11 2.53 -15.49
C PRO A 65 2.99 2.12 -14.54
N ARG A 66 3.13 0.97 -13.90
CA ARG A 66 2.08 0.38 -13.07
C ARG A 66 2.81 -0.51 -12.07
N ILE A 67 2.25 -0.70 -10.88
CA ILE A 67 2.88 -1.59 -9.91
C ILE A 67 2.99 -3.02 -10.46
N SER A 68 2.06 -3.42 -11.32
CA SER A 68 2.12 -4.77 -11.89
C SER A 68 3.30 -4.97 -12.83
N GLN A 69 3.94 -3.87 -13.21
CA GLN A 69 5.12 -3.93 -14.09
C GLN A 69 6.43 -3.60 -13.37
N ALA A 70 6.37 -3.48 -12.04
CA ALA A 70 7.60 -3.40 -11.24
C ALA A 70 8.35 -4.73 -11.35
N GLU A 71 9.67 -4.67 -11.23
CA GLU A 71 10.47 -5.88 -11.28
C GLU A 71 11.39 -6.00 -10.09
N GLU A 72 12.01 -7.17 -9.93
CA GLU A 72 12.92 -7.44 -8.82
C GLU A 72 13.97 -6.35 -8.62
N GLU A 73 14.51 -5.82 -9.71
CA GLU A 73 15.52 -4.75 -9.60
C GLU A 73 14.98 -3.47 -8.94
N ASP A 74 13.66 -3.31 -8.90
CA ASP A 74 13.03 -2.13 -8.31
C ASP A 74 12.81 -2.27 -6.81
N GLN A 75 13.23 -3.39 -6.23
CA GLN A 75 12.95 -3.67 -4.82
C GLN A 75 13.33 -2.54 -3.85
N GLN A 76 14.57 -2.06 -3.95
CA GLN A 76 15.03 -0.99 -3.05
C GLN A 76 14.28 0.31 -3.31
N LEU A 77 14.07 0.62 -4.59
CA LEU A 77 13.30 1.80 -4.94
C LEU A 77 11.90 1.76 -4.33
N LEU A 78 11.21 0.62 -4.47
CA LEU A 78 9.84 0.51 -3.94
C LEU A 78 9.79 0.69 -2.42
N GLY A 79 10.76 0.10 -1.73
CA GLY A 79 10.85 0.29 -0.29
C GLY A 79 11.09 1.74 0.07
N HIS A 80 11.96 2.39 -0.70
CA HIS A 80 12.25 3.81 -0.49
C HIS A 80 11.00 4.66 -0.66
N LEU A 81 10.18 4.35 -1.66
CA LEU A 81 8.94 5.12 -1.86
C LEU A 81 8.01 5.04 -0.66
N LEU A 82 7.90 3.85 -0.07
CA LEU A 82 7.02 3.68 1.10
C LEU A 82 7.58 4.42 2.31
N LEU A 83 8.90 4.40 2.47
CA LEU A 83 9.54 5.15 3.55
C LEU A 83 9.33 6.66 3.36
N VAL A 84 9.45 7.15 2.13
CA VAL A 84 9.24 8.56 1.85
C VAL A 84 7.79 8.94 2.14
N ALA A 85 6.87 8.05 1.79
CA ALA A 85 5.46 8.27 2.06
C ALA A 85 5.21 8.45 3.55
N LYS A 86 5.75 7.53 4.35
CA LYS A 86 5.46 7.61 5.78
C LYS A 86 6.20 8.79 6.44
N GLN A 87 7.37 9.14 5.94
CA GLN A 87 8.09 10.31 6.45
C GLN A 87 7.32 11.59 6.13
N THR A 88 6.87 11.70 4.89
CA THR A 88 6.09 12.87 4.49
C THR A 88 4.74 12.93 5.22
N ALA A 89 4.14 11.78 5.54
CA ALA A 89 2.90 11.76 6.31
C ALA A 89 3.12 12.35 7.70
N LYS A 90 4.26 12.03 8.31
CA LYS A 90 4.61 12.57 9.62
C LYS A 90 4.76 14.09 9.51
N ALA A 91 5.49 14.53 8.49
CA ALA A 91 5.76 15.95 8.26
C ALA A 91 4.48 16.73 8.02
N GLU A 92 3.48 16.10 7.41
CA GLU A 92 2.21 16.73 7.07
C GLU A 92 1.20 16.66 8.22
N GLY A 93 1.64 16.15 9.37
CA GLY A 93 0.82 16.11 10.56
C GLY A 93 -0.24 15.03 10.59
N LEU A 94 0.05 13.89 9.98
CA LEU A 94 -0.91 12.80 9.91
C LEU A 94 -0.72 11.75 11.02
N GLY A 95 -0.33 12.21 12.20
CA GLY A 95 -0.05 11.33 13.33
C GLY A 95 -1.23 10.56 13.89
N ASP A 96 -2.44 11.03 13.60
CA ASP A 96 -3.65 10.33 14.07
C ASP A 96 -4.05 9.24 13.09
N GLY A 97 -3.33 9.13 11.98
CA GLY A 97 -3.58 8.07 11.02
C GLY A 97 -3.74 8.51 9.58
N TYR A 98 -3.56 7.56 8.66
CA TYR A 98 -3.62 7.86 7.23
C TYR A 98 -3.73 6.57 6.44
N ARG A 99 -3.92 6.69 5.13
CA ARG A 99 -4.00 5.51 4.26
C ARG A 99 -3.09 5.71 3.06
N LEU A 100 -2.38 4.64 2.68
CA LEU A 100 -1.57 4.64 1.48
C LEU A 100 -2.29 3.79 0.43
N VAL A 101 -2.37 4.28 -0.80
CA VAL A 101 -3.08 3.56 -1.86
C VAL A 101 -2.26 3.49 -3.13
N ILE A 102 -2.20 2.31 -3.74
CA ILE A 102 -1.63 2.16 -5.07
C ILE A 102 -2.68 1.55 -5.99
N ASN A 103 -2.97 2.25 -7.09
CA ASN A 103 -3.95 1.75 -8.05
C ASN A 103 -3.25 1.11 -9.24
N ASP A 104 -3.71 -0.07 -9.63
CA ASP A 104 -3.20 -0.70 -10.84
C ASP A 104 -4.31 -0.88 -11.87
N GLY A 105 -4.08 -0.38 -13.09
CA GLY A 105 -4.98 -0.65 -14.20
C GLY A 105 -6.40 -0.12 -14.10
N LYS A 106 -7.24 -0.58 -15.03
CA LYS A 106 -8.60 -0.08 -15.17
C LYS A 106 -9.42 -0.35 -13.93
N LEU A 107 -9.38 -1.58 -13.44
CA LEU A 107 -10.22 -1.96 -12.31
C LEU A 107 -9.72 -1.35 -11.01
N GLY A 108 -8.45 -0.96 -10.97
CA GLY A 108 -7.92 -0.29 -9.79
C GLY A 108 -8.18 1.21 -9.81
N ALA A 109 -8.78 1.68 -10.91
CA ALA A 109 -9.02 3.11 -11.15
C ALA A 109 -7.72 3.90 -11.30
N GLN A 110 -6.69 3.25 -11.85
CA GLN A 110 -5.48 3.98 -12.19
C GLN A 110 -5.79 4.91 -13.37
N SER A 111 -5.32 6.15 -13.28
CA SER A 111 -5.61 7.13 -14.33
C SER A 111 -4.35 7.62 -15.04
N VAL A 112 -3.21 7.60 -14.34
CA VAL A 112 -1.94 8.04 -14.93
C VAL A 112 -1.00 6.84 -14.92
N TYR A 113 -0.47 6.47 -16.09
CA TYR A 113 0.38 5.27 -16.16
C TYR A 113 1.86 5.54 -15.86
N HIS A 114 2.06 6.04 -14.64
CA HIS A 114 3.35 6.20 -13.98
C HIS A 114 2.99 5.88 -12.55
N LEU A 115 3.82 5.11 -11.85
CA LEU A 115 3.49 4.67 -10.49
C LEU A 115 3.26 5.86 -9.56
N HIS A 116 2.12 5.88 -8.85
CA HIS A 116 1.84 6.91 -7.85
C HIS A 116 1.42 6.22 -6.56
N ILE A 117 2.05 6.56 -5.45
CA ILE A 117 1.54 6.13 -4.15
C ILE A 117 0.77 7.29 -3.52
N HIS A 118 -0.53 7.08 -3.28
CA HIS A 118 -1.38 8.08 -2.63
C HIS A 118 -1.19 8.04 -1.12
N VAL A 119 -1.10 9.21 -0.51
CA VAL A 119 -1.16 9.31 0.94
C VAL A 119 -2.34 10.21 1.29
N LEU A 120 -3.30 9.68 2.04
CA LEU A 120 -4.51 10.40 2.41
C LEU A 120 -4.66 10.47 3.92
N GLY A 121 -4.94 11.65 4.46
CA GLY A 121 -5.20 11.79 5.89
C GLY A 121 -5.95 13.07 6.22
N GLY A 122 -6.12 13.34 7.52
CA GLY A 122 -6.79 14.55 7.95
C GLY A 122 -8.30 14.38 8.09
N ARG A 123 -8.78 13.16 7.84
CA ARG A 123 -10.18 12.82 8.07
C ARG A 123 -10.25 11.33 8.37
N GLN A 124 -11.38 10.88 8.90
CA GLN A 124 -11.59 9.44 9.08
C GLN A 124 -11.78 8.75 7.72
N LEU A 125 -10.86 7.85 7.39
CA LEU A 125 -11.00 7.04 6.18
C LEU A 125 -11.99 5.90 6.43
N GLN A 126 -12.78 5.57 5.40
CA GLN A 126 -13.83 4.58 5.52
C GLN A 126 -13.38 3.19 5.10
N TRP A 127 -14.23 2.18 5.32
CA TRP A 127 -13.97 0.82 4.84
C TRP A 127 -15.26 0.29 4.23
N PRO A 128 -15.19 -0.34 3.04
CA PRO A 128 -14.02 -0.69 2.22
C PRO A 128 -13.34 0.54 1.61
N PRO A 129 -12.12 0.36 1.10
CA PRO A 129 -11.35 1.46 0.51
C PRO A 129 -11.68 1.61 -0.97
N GLY A 130 -12.94 1.97 -1.24
CA GLY A 130 -13.45 2.02 -2.60
C GLY A 130 -13.97 0.65 -3.00
N ALA B 19 4.15 -6.33 20.54
CA ALA B 19 2.90 -6.88 21.03
C ALA B 19 2.22 -7.77 19.98
N PRO B 20 2.08 -9.06 20.29
CA PRO B 20 1.42 -9.99 19.36
C PRO B 20 -0.02 -9.56 19.08
N THR B 21 -0.47 -9.83 17.86
CA THR B 21 -1.84 -9.57 17.45
C THR B 21 -2.39 -10.91 17.01
N ILE B 22 -3.62 -10.93 16.54
CA ILE B 22 -4.18 -12.19 16.05
C ILE B 22 -3.43 -12.73 14.83
N PHE B 23 -2.70 -11.86 14.12
CA PHE B 23 -1.89 -12.31 12.99
C PHE B 23 -0.74 -13.23 13.45
N SER B 24 -0.39 -13.15 14.73
CA SER B 24 0.60 -14.07 15.29
C SER B 24 0.09 -15.52 15.28
N ARG B 25 -1.21 -15.71 15.46
CA ARG B 25 -1.83 -17.02 15.35
C ARG B 25 -1.94 -17.50 13.89
N ILE B 26 -1.99 -16.55 12.96
CA ILE B 26 -1.95 -16.93 11.55
C ILE B 26 -0.53 -17.36 11.19
N LEU B 27 0.45 -16.58 11.62
CA LEU B 27 1.85 -16.85 11.32
C LEU B 27 2.33 -18.18 11.88
N ASP B 28 1.87 -18.55 13.08
CA ASP B 28 2.34 -19.82 13.66
C ASP B 28 1.47 -21.01 13.25
N LYS B 29 0.52 -20.76 12.35
CA LYS B 29 -0.38 -21.79 11.82
C LYS B 29 -1.31 -22.43 12.87
N SER B 30 -1.55 -21.74 13.97
CA SER B 30 -2.47 -22.27 14.97
C SER B 30 -3.92 -21.95 14.63
N LEU B 31 -4.16 -20.80 14.02
CA LEU B 31 -5.50 -20.47 13.53
C LEU B 31 -5.49 -20.56 12.01
N PRO B 32 -6.59 -21.05 11.43
CA PRO B 32 -6.54 -21.38 9.99
C PRO B 32 -6.47 -20.15 9.09
N ALA B 33 -5.89 -20.36 7.91
CA ALA B 33 -5.84 -19.31 6.91
C ALA B 33 -5.66 -19.97 5.55
N ASP B 34 -6.19 -19.32 4.52
CA ASP B 34 -5.94 -19.75 3.14
C ASP B 34 -4.66 -19.04 2.70
N ILE B 35 -3.55 -19.77 2.74
CA ILE B 35 -2.23 -19.19 2.47
C ILE B 35 -1.92 -19.27 0.98
N LEU B 36 -1.54 -18.13 0.38
CA LEU B 36 -1.30 -18.05 -1.06
C LEU B 36 0.18 -18.09 -1.38
N TYR B 37 1.00 -17.71 -0.39
CA TYR B 37 2.45 -17.60 -0.59
C TYR B 37 3.13 -17.44 0.76
N GLU B 38 4.30 -18.05 0.90
CA GLU B 38 5.09 -17.88 2.11
C GLU B 38 6.57 -17.96 1.78
N ASP B 39 7.36 -17.06 2.33
CA ASP B 39 8.82 -17.21 2.32
C ASP B 39 9.37 -16.82 3.69
N GLN B 40 10.69 -16.73 3.82
CA GLN B 40 11.23 -16.47 5.16
C GLN B 40 10.97 -15.05 5.67
N GLN B 41 10.50 -14.16 4.78
CA GLN B 41 10.26 -12.78 5.16
CA GLN B 41 10.27 -12.76 5.13
C GLN B 41 8.79 -12.38 5.26
N CYS B 42 7.91 -13.18 4.67
CA CYS B 42 6.50 -12.77 4.65
C CYS B 42 5.51 -13.92 4.49
N LEU B 43 4.24 -13.60 4.75
CA LEU B 43 3.16 -14.56 4.58
C LEU B 43 2.01 -13.84 3.88
N VAL B 44 1.34 -14.54 2.97
CA VAL B 44 0.22 -13.96 2.24
C VAL B 44 -1.00 -14.85 2.42
N PHE B 45 -2.13 -14.29 2.82
CA PHE B 45 -3.31 -15.10 3.10
C PHE B 45 -4.60 -14.33 2.81
N ARG B 46 -5.68 -15.06 2.53
CA ARG B 46 -6.95 -14.41 2.20
C ARG B 46 -7.55 -13.72 3.41
N ASP B 47 -8.15 -12.56 3.16
CA ASP B 47 -8.91 -11.86 4.21
C ASP B 47 -10.22 -12.62 4.48
N VAL B 48 -10.56 -12.79 5.76
CA VAL B 48 -11.78 -13.54 6.08
C VAL B 48 -13.03 -12.68 5.97
N ALA B 49 -12.84 -11.37 5.79
CA ALA B 49 -13.97 -10.47 5.52
C ALA B 49 -13.71 -9.74 4.22
N PRO B 50 -13.74 -10.48 3.10
CA PRO B 50 -13.28 -9.89 1.84
C PRO B 50 -14.18 -8.76 1.36
N GLN B 51 -13.54 -7.70 0.88
CA GLN B 51 -14.25 -6.53 0.40
C GLN B 51 -14.26 -6.46 -1.12
N ALA B 52 -13.77 -7.52 -1.77
CA ALA B 52 -13.79 -7.66 -3.22
C ALA B 52 -13.71 -9.15 -3.51
N PRO B 53 -14.04 -9.58 -4.75
CA PRO B 53 -13.99 -11.02 -5.04
C PRO B 53 -12.64 -11.67 -4.71
N VAL B 54 -11.55 -10.92 -4.90
CA VAL B 54 -10.24 -11.34 -4.41
C VAL B 54 -9.79 -10.29 -3.41
N HIS B 55 -9.47 -10.74 -2.20
CA HIS B 55 -8.98 -9.83 -1.16
C HIS B 55 -8.02 -10.60 -0.27
N PHE B 56 -6.74 -10.27 -0.36
CA PHE B 56 -5.76 -10.95 0.47
C PHE B 56 -4.81 -9.96 1.13
N LEU B 57 -4.05 -10.46 2.10
CA LEU B 57 -3.19 -9.63 2.92
C LEU B 57 -1.75 -10.11 2.77
N VAL B 58 -0.83 -9.18 2.61
CA VAL B 58 0.59 -9.50 2.55
C VAL B 58 1.22 -8.95 3.82
N ILE B 59 1.78 -9.82 4.66
CA ILE B 59 2.31 -9.35 5.94
C ILE B 59 3.77 -9.78 6.14
N PRO B 60 4.57 -8.92 6.78
CA PRO B 60 5.94 -9.35 7.09
C PRO B 60 5.95 -10.29 8.29
N LYS B 61 6.94 -11.17 8.37
CA LYS B 61 7.08 -11.97 9.57
C LYS B 61 7.66 -11.14 10.72
N LYS B 62 8.48 -10.15 10.38
CA LYS B 62 8.92 -9.17 11.36
C LYS B 62 7.72 -8.35 11.79
N PRO B 63 7.45 -8.29 13.11
CA PRO B 63 6.22 -7.68 13.61
C PRO B 63 6.26 -6.15 13.69
N ILE B 64 6.49 -5.50 12.56
CA ILE B 64 6.34 -4.05 12.47
C ILE B 64 4.85 -3.76 12.68
N PRO B 65 4.51 -2.89 13.66
CA PRO B 65 3.08 -2.80 14.01
C PRO B 65 2.25 -1.95 13.04
N ARG B 66 2.91 -1.01 12.36
CA ARG B 66 2.24 -0.08 11.47
C ARG B 66 3.26 0.60 10.57
N ILE B 67 2.82 1.07 9.41
CA ILE B 67 3.76 1.65 8.46
C ILE B 67 4.49 2.89 9.03
N SER B 68 3.83 3.62 9.93
CA SER B 68 4.45 4.81 10.51
C SER B 68 5.62 4.43 11.42
N GLN B 69 5.70 3.16 11.79
CA GLN B 69 6.80 2.68 12.63
C GLN B 69 7.86 1.88 11.88
N ALA B 70 7.76 1.84 10.56
CA ALA B 70 8.82 1.24 9.75
C ALA B 70 10.05 2.16 9.78
N GLU B 71 11.23 1.59 9.59
CA GLU B 71 12.47 2.37 9.62
C GLU B 71 13.32 2.14 8.39
N GLU B 72 14.41 2.89 8.26
CA GLU B 72 15.27 2.77 7.09
C GLU B 72 15.77 1.35 6.88
N GLU B 73 16.00 0.64 7.98
CA GLU B 73 16.48 -0.74 7.91
C GLU B 73 15.45 -1.66 7.25
N ASP B 74 14.21 -1.21 7.18
CA ASP B 74 13.12 -1.99 6.61
C ASP B 74 12.92 -1.73 5.12
N GLN B 75 13.78 -0.91 4.52
CA GLN B 75 13.61 -0.52 3.13
C GLN B 75 13.46 -1.74 2.20
N GLN B 76 14.38 -2.68 2.31
CA GLN B 76 14.35 -3.87 1.46
C GLN B 76 13.10 -4.72 1.72
N LEU B 77 12.74 -4.88 2.99
CA LEU B 77 11.55 -5.67 3.33
C LEU B 77 10.28 -5.04 2.74
N LEU B 78 10.16 -3.72 2.87
CA LEU B 78 8.99 -3.03 2.33
C LEU B 78 8.87 -3.25 0.81
N GLY B 79 10.01 -3.18 0.11
CA GLY B 79 10.01 -3.41 -1.32
C GLY B 79 9.61 -4.84 -1.64
N HIS B 80 10.10 -5.78 -0.83
CA HIS B 80 9.76 -7.18 -1.00
C HIS B 80 8.25 -7.39 -0.84
N LEU B 81 7.66 -6.75 0.16
CA LEU B 81 6.21 -6.88 0.36
C LEU B 81 5.43 -6.39 -0.86
N LEU B 82 5.84 -5.27 -1.45
CA LEU B 82 5.16 -4.79 -2.65
C LEU B 82 5.35 -5.73 -3.85
N LEU B 83 6.56 -6.26 -4.02
CA LEU B 83 6.79 -7.21 -5.10
C LEU B 83 5.98 -8.49 -4.92
N VAL B 84 5.88 -8.97 -3.69
CA VAL B 84 5.09 -10.17 -3.40
C VAL B 84 3.60 -9.89 -3.64
N ALA B 85 3.16 -8.69 -3.30
CA ALA B 85 1.76 -8.31 -3.53
C ALA B 85 1.45 -8.35 -5.03
N LYS B 86 2.34 -7.74 -5.82
CA LYS B 86 2.23 -7.66 -7.27
C LYS B 86 2.22 -9.06 -7.88
N GLN B 87 3.16 -9.89 -7.45
CA GLN B 87 3.27 -11.24 -7.98
C GLN B 87 2.06 -12.10 -7.62
N THR B 88 1.56 -11.95 -6.41
CA THR B 88 0.40 -12.72 -5.98
C THR B 88 -0.86 -12.25 -6.72
N ALA B 89 -0.95 -10.95 -6.99
CA ALA B 89 -2.08 -10.42 -7.75
C ALA B 89 -2.14 -11.07 -9.14
N LYS B 90 -0.98 -11.24 -9.76
CA LYS B 90 -0.92 -11.87 -11.07
C LYS B 90 -1.39 -13.32 -10.96
N ALA B 91 -0.92 -14.02 -9.92
CA ALA B 91 -1.25 -15.43 -9.73
C ALA B 91 -2.72 -15.64 -9.46
N GLU B 92 -3.36 -14.64 -8.86
CA GLU B 92 -4.78 -14.68 -8.55
C GLU B 92 -5.67 -14.22 -9.70
N GLY B 93 -5.06 -13.94 -10.86
CA GLY B 93 -5.79 -13.56 -12.05
C GLY B 93 -6.29 -12.12 -12.10
N LEU B 94 -5.60 -11.21 -11.43
CA LEU B 94 -6.00 -9.81 -11.41
C LEU B 94 -5.38 -9.02 -12.54
N GLY B 95 -5.49 -9.55 -13.76
CA GLY B 95 -4.81 -8.97 -14.90
C GLY B 95 -5.41 -7.68 -15.46
N ASP B 96 -6.59 -7.29 -14.99
CA ASP B 96 -7.23 -6.08 -15.47
CA ASP B 96 -7.21 -6.07 -15.47
C ASP B 96 -7.25 -4.98 -14.41
N GLY B 97 -6.48 -5.17 -13.36
CA GLY B 97 -6.34 -4.14 -12.34
C GLY B 97 -6.72 -4.56 -10.95
N TYR B 98 -6.22 -3.80 -9.98
CA TYR B 98 -6.42 -4.10 -8.57
C TYR B 98 -5.92 -2.91 -7.76
N ARG B 99 -6.08 -2.97 -6.44
CA ARG B 99 -5.67 -1.85 -5.58
C ARG B 99 -4.90 -2.40 -4.38
N LEU B 100 -3.81 -1.72 -4.02
CA LEU B 100 -3.07 -2.05 -2.79
C LEU B 100 -3.39 -0.97 -1.77
N VAL B 101 -3.63 -1.37 -0.52
CA VAL B 101 -3.99 -0.43 0.54
C VAL B 101 -3.23 -0.76 1.82
N ILE B 102 -2.63 0.27 2.43
CA ILE B 102 -2.04 0.14 3.76
C ILE B 102 -2.72 1.15 4.70
N ASN B 103 -3.28 0.67 5.80
CA ASN B 103 -3.96 1.55 6.75
C ASN B 103 -3.07 1.80 7.95
N ASP B 104 -2.96 3.06 8.37
CA ASP B 104 -2.20 3.40 9.57
C ASP B 104 -3.06 4.14 10.58
N GLY B 105 -3.12 3.61 11.80
CA GLY B 105 -3.77 4.29 12.91
C GLY B 105 -5.28 4.40 12.81
N LYS B 106 -5.89 5.13 13.76
CA LYS B 106 -7.33 5.17 13.83
C LYS B 106 -7.94 5.84 12.60
N LEU B 107 -7.40 6.97 12.18
CA LEU B 107 -7.98 7.68 11.04
C LEU B 107 -7.79 6.89 9.74
N GLY B 108 -6.79 6.02 9.71
CA GLY B 108 -6.58 5.16 8.55
C GLY B 108 -7.47 3.92 8.56
N ALA B 109 -8.21 3.74 9.65
CA ALA B 109 -9.06 2.57 9.88
C ALA B 109 -8.26 1.29 10.11
N GLN B 110 -7.03 1.42 10.61
CA GLN B 110 -6.25 0.24 10.97
C GLN B 110 -6.89 -0.41 12.20
N SER B 111 -6.99 -1.73 12.18
CA SER B 111 -7.56 -2.46 13.30
C SER B 111 -6.60 -3.53 13.84
N VAL B 112 -5.81 -4.12 12.95
CA VAL B 112 -4.79 -5.10 13.36
C VAL B 112 -3.41 -4.46 13.30
N TYR B 113 -2.77 -4.33 14.47
CA TYR B 113 -1.50 -3.60 14.56
C TYR B 113 -0.30 -4.51 14.27
N HIS B 114 -0.35 -5.09 13.08
CA HIS B 114 0.75 -5.80 12.48
C HIS B 114 0.70 -5.35 11.03
N LEU B 115 1.80 -4.74 10.56
CA LEU B 115 1.86 -4.17 9.22
C LEU B 115 1.32 -5.14 8.17
N HIS B 116 0.45 -4.67 7.28
CA HIS B 116 -0.03 -5.52 6.21
C HIS B 116 -0.46 -4.70 5.01
N ILE B 117 -0.34 -5.29 3.82
CA ILE B 117 -0.86 -4.67 2.61
C ILE B 117 -2.12 -5.42 2.18
N HIS B 118 -3.24 -4.72 2.04
CA HIS B 118 -4.45 -5.31 1.44
C HIS B 118 -4.27 -5.29 -0.06
N VAL B 119 -4.63 -6.40 -0.72
CA VAL B 119 -4.74 -6.43 -2.18
C VAL B 119 -6.17 -6.77 -2.54
N LEU B 120 -6.84 -5.89 -3.28
CA LEU B 120 -8.24 -6.08 -3.64
C LEU B 120 -8.41 -6.08 -5.14
N GLY B 121 -9.16 -7.04 -5.67
CA GLY B 121 -9.42 -7.07 -7.10
C GLY B 121 -10.65 -7.88 -7.44
N GLY B 122 -10.99 -7.95 -8.73
CA GLY B 122 -12.12 -8.75 -9.16
C GLY B 122 -13.41 -7.96 -9.29
N ARG B 123 -13.33 -6.66 -9.04
CA ARG B 123 -14.44 -5.73 -9.30
C ARG B 123 -13.84 -4.36 -9.62
N GLN B 124 -14.67 -3.44 -10.12
CA GLN B 124 -14.23 -2.06 -10.29
C GLN B 124 -14.10 -1.38 -8.94
N LEU B 125 -12.88 -1.00 -8.57
CA LEU B 125 -12.66 -0.25 -7.34
C LEU B 125 -13.07 1.19 -7.58
N GLN B 126 -13.69 1.79 -6.56
CA GLN B 126 -14.23 3.13 -6.70
C GLN B 126 -13.24 4.19 -6.23
N TRP B 127 -13.61 5.45 -6.43
CA TRP B 127 -12.79 6.58 -5.99
C TRP B 127 -13.75 7.62 -5.40
N PRO B 128 -13.45 8.12 -4.19
CA PRO B 128 -12.25 7.95 -3.37
C PRO B 128 -12.07 6.54 -2.80
N PRO B 129 -10.86 6.21 -2.35
CA PRO B 129 -10.62 4.88 -1.77
C PRO B 129 -10.97 4.87 -0.30
N GLY B 130 -12.24 5.05 0.01
CA GLY B 130 -12.67 5.22 1.39
C GLY B 130 -12.42 6.66 1.84
P AMP C . -3.88 7.38 -10.21
O1P AMP C . -3.76 6.33 -9.13
O2P AMP C . -3.14 7.05 -11.48
O3P AMP C . -5.30 7.82 -10.47
O5' AMP C . -3.16 8.64 -9.56
C5' AMP C . -2.95 9.83 -10.31
C4' AMP C . -3.36 11.03 -9.50
O4' AMP C . -2.81 12.22 -10.13
C3' AMP C . -4.88 11.25 -9.40
O3' AMP C . -5.29 11.22 -8.03
C2' AMP C . -5.09 12.65 -10.01
O2' AMP C . -6.07 13.45 -9.37
C1' AMP C . -3.71 13.28 -9.91
N9 AMP C . -3.48 14.35 -10.88
C8 AMP C . -3.93 14.41 -12.15
N7 AMP C . -3.56 15.58 -12.72
C5 AMP C . -2.88 16.28 -11.80
C6 AMP C . -2.23 17.60 -11.74
N6 AMP C . -2.24 18.40 -12.84
N1 AMP C . -1.63 17.95 -10.59
C2 AMP C . -1.62 17.16 -9.51
N3 AMP C . -2.21 15.95 -9.49
C4 AMP C . -2.85 15.48 -10.58
OH2 1PE D . -12.33 3.21 -15.12
C12 1PE D . -11.03 3.54 -14.76
C22 1PE D . -10.74 4.94 -15.17
OH3 1PE D . -9.80 5.49 -14.28
C13 1PE D . -10.78 6.86 -12.53
C23 1PE D . -9.95 6.82 -13.81
OH4 1PE D . -10.05 7.54 -11.49
C14 1PE D . -9.19 9.52 -10.44
C24 1PE D . -9.44 8.82 -11.74
OH5 1PE D . -9.17 10.89 -10.65
C15 1PE D . -10.54 12.66 -9.81
C25 1PE D . -9.34 11.74 -9.56
OH6 1PE D . -11.61 12.31 -8.96
C16 1PE D . -13.70 11.34 -8.52
C26 1PE D . -12.43 11.21 -9.28
OH7 1PE D . -14.36 10.11 -8.47
C1 PEG E . 11.88 12.96 4.17
O1 PEG E . 11.92 13.34 5.50
C2 PEG E . 10.51 13.19 3.61
O2 PEG E . 9.90 14.24 4.27
C3 PEG E . 9.47 15.34 3.54
C4 PEG E . 9.14 16.47 4.46
O4 PEG E . 10.17 16.66 5.35
P AMP F . -6.97 -3.29 9.01
O1P AMP F . -6.01 -3.41 10.17
O2P AMP F . -6.47 -2.49 7.83
O3P AMP F . -8.40 -3.02 9.44
O5' AMP F . -7.01 -4.73 8.36
C5' AMP F . -7.24 -5.90 9.14
C4' AMP F . -7.80 -6.98 8.27
O4' AMP F . -7.55 -8.28 8.85
C3' AMP F . -9.31 -6.88 8.04
O3' AMP F . -9.60 -6.78 6.64
C2' AMP F . -9.85 -8.21 8.63
O2' AMP F . -10.97 -8.76 7.96
C1' AMP F . -8.62 -9.11 8.55
N9 AMP F . -8.62 -10.25 9.47
C8 AMP F . -8.90 -10.20 10.78
N7 AMP F . -8.80 -11.43 11.33
C5 AMP F . -8.46 -12.29 10.34
C6 AMP F . -8.21 -13.75 10.22
N6 AMP F . -8.30 -14.57 11.30
N1 AMP F . -7.88 -14.23 8.99
C2 AMP F . -7.78 -13.43 7.91
N3 AMP F . -8.01 -12.10 7.94
C4 AMP F . -8.34 -11.49 9.11
C1 PG5 G . 12.34 -8.81 14.65
O1 PG5 G . 12.51 -10.14 14.28
C2 PG5 G . 11.98 -10.59 13.08
C3 PG5 G . 11.48 -11.99 13.23
O2 PG5 G . 11.27 -12.55 11.97
C4 PG5 G . 12.16 -12.25 10.96
C5 PG5 G . 12.01 -13.16 9.79
O3 PG5 G . 13.11 -13.07 8.97
C6 PG5 G . 13.88 -11.92 8.96
C7 PG5 G . 15.15 -12.14 8.20
O4 PG5 G . 15.95 -11.01 8.28
C8 PG5 G . 15.56 -9.81 7.72
#